data_4KTN
#
_entry.id   4KTN
#
_cell.length_a   54.797
_cell.length_b   58.952
_cell.length_c   65.937
_cell.angle_alpha   90.00
_cell.angle_beta   90.00
_cell.angle_gamma   90.00
#
_symmetry.space_group_name_H-M   'P 21 21 21'
#
loop_
_entity.id
_entity.type
_entity.pdbx_description
1 polymer 'DNA gyrase subunit B'
2 non-polymer (3S)-1-[2-(pyrido[2,3-b]pyrazin-7-ylsulfanyl)-9H-pyrimido[4,5-b]indol-4-yl]pyrrolidin-3-amine
3 water water
#
_entity_poly.entity_id   1
_entity_poly.type   'polypeptide(L)'
_entity_poly.pdbx_seq_one_letter_code
;GLEAVRKRPGMYIGSTSGEGLHHLVWEIVDNSIDEALAGFAKSIQVIIEPDDSITVIDDGRGIPVGIQAKTGRPAVETVF
TVLHAGGKFGGGGYKVSGGLHGVGSSVVNALSTSLDVRVYKDGKVYYQEYRRGAVVDDLKVIEETDRHGTTVHFIPDPEI
FTETTVYDFDKLATRVRELAFLNRGLHISIEDRREGQEDKKEYHYEGLEHHHHHH
;
_entity_poly.pdbx_strand_id   A
#
loop_
_chem_comp.id
_chem_comp.type
_chem_comp.name
_chem_comp.formula
MJU non-polymer (3S)-1-[2-(pyrido[2,3-b]pyrazin-7-ylsulfanyl)-9H-pyrimido[4,5-b]indol-4-yl]pyrrolidin-3-amine 'C21 H18 N8 S'
#
# COMPACT_ATOMS: atom_id res chain seq x y z
N GLY A 1 4.97 20.66 -2.56
CA GLY A 1 5.28 19.24 -2.23
C GLY A 1 4.75 18.25 -3.24
N LEU A 2 3.63 17.60 -2.91
CA LEU A 2 3.05 16.56 -3.76
C LEU A 2 2.44 17.05 -5.06
N GLU A 3 2.16 18.35 -5.14
CA GLU A 3 1.73 18.97 -6.41
C GLU A 3 2.75 18.70 -7.49
N ALA A 4 4.03 18.77 -7.11
CA ALA A 4 5.14 18.53 -8.03
C ALA A 4 5.05 17.13 -8.61
N VAL A 5 4.68 16.16 -7.76
CA VAL A 5 4.54 14.77 -8.17
C VAL A 5 3.40 14.59 -9.18
N ARG A 6 2.29 15.27 -8.95
CA ARG A 6 1.13 15.18 -9.84
C ARG A 6 1.42 15.79 -11.20
N LYS A 7 2.32 16.78 -11.23
CA LYS A 7 2.65 17.47 -12.47
C LYS A 7 3.80 16.83 -13.23
N ARG A 8 4.76 16.24 -12.51
CA ARG A 8 5.83 15.49 -13.17
C ARG A 8 5.94 14.05 -12.66
N PRO A 9 4.86 13.26 -12.81
CA PRO A 9 4.88 11.89 -12.28
C PRO A 9 6.01 11.02 -12.88
N GLY A 10 6.39 11.30 -14.13
CA GLY A 10 7.50 10.58 -14.77
C GLY A 10 8.82 10.64 -14.02
N MET A 11 9.03 11.71 -13.25
CA MET A 11 10.25 11.85 -12.47
C MET A 11 10.23 11.03 -11.18
N TYR A 12 9.05 10.57 -10.79
CA TYR A 12 8.88 9.87 -9.51
C TYR A 12 8.60 8.38 -9.68
N ILE A 13 7.89 8.02 -10.75
CA ILE A 13 7.53 6.61 -10.97
C ILE A 13 8.04 6.05 -12.30
N GLY A 14 8.78 6.86 -13.05
CA GLY A 14 9.48 6.41 -14.27
C GLY A 14 8.64 6.42 -15.54
N SER A 15 7.36 6.12 -15.36
CA SER A 15 6.43 5.98 -16.47
C SER A 15 5.00 6.18 -15.98
N THR A 16 4.16 6.73 -16.83
CA THR A 16 2.73 6.84 -16.50
C THR A 16 1.90 5.82 -17.30
N SER A 17 2.58 4.88 -17.95
CA SER A 17 1.96 3.77 -18.67
C SER A 17 1.60 2.66 -17.67
N GLY A 18 1.22 1.49 -18.19
CA GLY A 18 1.01 0.30 -17.35
C GLY A 18 2.15 -0.01 -16.38
N GLU A 19 3.40 0.26 -16.78
CA GLU A 19 4.54 0.01 -15.90
C GLU A 19 4.45 0.86 -14.63
N GLY A 20 4.15 2.15 -14.81
CA GLY A 20 3.96 3.04 -13.65
C GLY A 20 2.80 2.63 -12.77
N LEU A 21 1.71 2.20 -13.40
CA LEU A 21 0.51 1.77 -12.68
C LEU A 21 0.86 0.64 -11.71
N HIS A 22 1.65 -0.32 -12.20
CA HIS A 22 2.09 -1.44 -11.38
C HIS A 22 3.11 -1.06 -10.35
N HIS A 23 3.97 -0.09 -10.70
CA HIS A 23 4.94 0.43 -9.73
C HIS A 23 4.31 0.96 -8.46
N LEU A 24 3.09 1.51 -8.57
CA LEU A 24 2.39 2.00 -7.37
C LEU A 24 2.20 0.88 -6.34
N VAL A 25 1.81 -0.30 -6.83
CA VAL A 25 1.66 -1.46 -5.97
C VAL A 25 2.96 -1.76 -5.20
N TRP A 26 4.09 -1.78 -5.91
CA TRP A 26 5.37 -2.14 -5.26
C TRP A 26 5.82 -1.15 -4.23
N GLU A 27 5.50 0.12 -4.47
CA GLU A 27 5.82 1.18 -3.51
C GLU A 27 5.10 0.95 -2.17
N ILE A 28 3.85 0.51 -2.22
CA ILE A 28 3.10 0.24 -0.99
C ILE A 28 3.59 -1.07 -0.37
N VAL A 29 3.69 -2.11 -1.19
CA VAL A 29 4.11 -3.45 -0.74
C VAL A 29 5.50 -3.38 -0.07
N ASP A 30 6.41 -2.61 -0.65
CA ASP A 30 7.76 -2.45 -0.08
C ASP A 30 7.74 -2.01 1.38
N ASN A 31 6.81 -1.13 1.75
CA ASN A 31 6.68 -0.76 3.16
C ASN A 31 6.26 -1.92 4.07
N SER A 32 5.35 -2.76 3.60
CA SER A 32 4.95 -3.95 4.34
C SER A 32 6.10 -4.95 4.44
N ILE A 33 6.87 -5.06 3.36
CA ILE A 33 8.06 -5.91 3.36
C ILE A 33 9.07 -5.41 4.39
N ASP A 34 9.24 -4.09 4.51
CA ASP A 34 10.17 -3.52 5.52
C ASP A 34 9.74 -3.92 6.94
N GLU A 35 8.43 -3.99 7.15
CA GLU A 35 7.89 -4.35 8.46
C GLU A 35 8.03 -5.86 8.73
N ALA A 36 8.04 -6.66 7.67
CA ALA A 36 8.36 -8.09 7.80
C ALA A 36 9.86 -8.26 8.10
N LEU A 37 10.68 -7.45 7.44
CA LEU A 37 12.11 -7.43 7.70
C LEU A 37 12.48 -7.02 9.13
N ALA A 38 11.73 -6.08 9.69
CA ALA A 38 11.92 -5.64 11.08
C ALA A 38 11.54 -6.77 12.05
N GLY A 39 10.78 -7.75 11.55
CA GLY A 39 10.47 -8.97 12.32
C GLY A 39 9.05 -9.08 12.83
N PHE A 40 8.20 -8.13 12.45
CA PHE A 40 6.86 -8.03 13.03
C PHE A 40 5.75 -8.50 12.11
N ALA A 41 5.84 -8.19 10.82
CA ALA A 41 4.83 -8.67 9.87
C ALA A 41 5.12 -10.11 9.46
N LYS A 42 4.08 -10.95 9.45
CA LYS A 42 4.20 -12.35 9.04
C LYS A 42 3.51 -12.62 7.71
N SER A 43 2.51 -11.81 7.38
CA SER A 43 1.75 -12.07 6.16
C SER A 43 1.29 -10.77 5.50
N ILE A 44 1.28 -10.78 4.17
CA ILE A 44 0.87 -9.62 3.38
C ILE A 44 -0.14 -10.09 2.34
N GLN A 45 -1.26 -9.38 2.21
CA GLN A 45 -2.24 -9.67 1.18
CA GLN A 45 -2.22 -9.67 1.17
C GLN A 45 -2.32 -8.49 0.22
N VAL A 46 -2.22 -8.79 -1.08
CA VAL A 46 -2.42 -7.78 -2.13
C VAL A 46 -3.71 -8.16 -2.85
N ILE A 47 -4.62 -7.21 -3.01
CA ILE A 47 -5.92 -7.49 -3.61
C ILE A 47 -6.18 -6.48 -4.73
N ILE A 48 -6.49 -7.00 -5.93
CA ILE A 48 -7.04 -6.15 -6.99
C ILE A 48 -8.53 -6.15 -6.77
N GLU A 49 -9.09 -4.99 -6.41
CA GLU A 49 -10.51 -4.87 -6.13
C GLU A 49 -11.30 -4.86 -7.45
N PRO A 50 -12.63 -5.05 -7.38
CA PRO A 50 -13.40 -5.15 -8.62
C PRO A 50 -13.32 -3.93 -9.54
N ASP A 51 -12.94 -2.78 -8.97
CA ASP A 51 -12.86 -1.52 -9.71
C ASP A 51 -11.42 -1.16 -10.11
N ASP A 52 -10.52 -2.15 -10.13
CA ASP A 52 -9.08 -1.94 -10.42
C ASP A 52 -8.36 -1.09 -9.35
N SER A 53 -8.98 -0.89 -8.19
CA SER A 53 -8.27 -0.30 -7.06
C SER A 53 -7.44 -1.39 -6.35
N ILE A 54 -6.52 -0.98 -5.49
CA ILE A 54 -5.60 -1.92 -4.82
C ILE A 54 -5.72 -1.83 -3.29
N THR A 55 -5.78 -2.99 -2.64
CA THR A 55 -5.69 -3.06 -1.17
C THR A 55 -4.46 -3.88 -0.80
N VAL A 56 -3.65 -3.34 0.12
CA VAL A 56 -2.51 -4.06 0.68
C VAL A 56 -2.71 -4.16 2.19
N ILE A 57 -2.71 -5.40 2.71
CA ILE A 57 -2.96 -5.65 4.12
C ILE A 57 -1.73 -6.31 4.72
N ASP A 58 -1.18 -5.76 5.80
CA ASP A 58 -0.14 -6.48 6.55
C ASP A 58 -0.55 -6.64 8.00
N ASP A 59 0.15 -7.53 8.71
CA ASP A 59 -0.10 -7.76 10.13
C ASP A 59 1.10 -7.37 11.00
N GLY A 60 1.77 -6.29 10.61
CA GLY A 60 2.85 -5.72 11.40
C GLY A 60 2.33 -4.95 12.62
N ARG A 61 3.19 -4.03 13.07
CA ARG A 61 2.91 -3.26 14.28
C ARG A 61 1.87 -2.19 14.04
N GLY A 62 1.77 -1.75 12.78
CA GLY A 62 0.93 -0.60 12.42
C GLY A 62 1.79 0.65 12.36
N ILE A 63 1.65 1.43 11.29
CA ILE A 63 2.39 2.70 11.15
C ILE A 63 2.20 3.54 12.42
N PRO A 64 3.30 4.15 12.93
CA PRO A 64 3.15 5.00 14.12
C PRO A 64 2.09 6.07 13.92
N VAL A 65 1.28 6.29 14.96
CA VAL A 65 0.18 7.25 14.89
C VAL A 65 0.40 8.43 15.84
N GLY A 66 1.39 8.31 16.70
CA GLY A 66 1.61 9.55 17.54
C GLY A 66 2.16 10.86 16.87
N ILE A 67 1.73 11.95 17.48
CA ILE A 67 2.17 13.28 17.06
C ILE A 67 3.69 13.42 17.10
N GLN A 68 4.27 13.89 16.00
CA GLN A 68 5.70 14.16 15.95
C GLN A 68 5.95 15.63 16.29
N ALA A 69 6.96 15.87 17.13
CA ALA A 69 7.28 17.23 17.57
C ALA A 69 7.65 18.15 16.41
N LYS A 70 8.41 17.61 15.45
CA LYS A 70 8.87 18.35 14.28
C LYS A 70 7.76 18.83 13.34
N THR A 71 6.63 18.12 13.34
CA THR A 71 5.53 18.42 12.41
C THR A 71 4.24 18.88 13.08
N GLY A 72 4.03 18.44 14.32
CA GLY A 72 2.76 18.67 15.01
C GLY A 72 1.62 17.82 14.47
N ARG A 73 1.97 16.85 13.60
CA ARG A 73 0.99 15.96 12.95
C ARG A 73 1.31 14.50 13.29
N PRO A 74 0.30 13.60 13.25
CA PRO A 74 0.58 12.17 13.45
C PRO A 74 1.56 11.63 12.41
N ALA A 75 2.45 10.73 12.83
CA ALA A 75 3.47 10.18 11.92
C ALA A 75 2.84 9.59 10.66
N VAL A 76 1.74 8.88 10.81
CA VAL A 76 1.07 8.24 9.67
C VAL A 76 0.62 9.27 8.61
N GLU A 77 0.13 10.43 9.06
CA GLU A 77 -0.25 11.48 8.11
C GLU A 77 0.95 11.93 7.29
N THR A 78 2.06 12.20 7.98
CA THR A 78 3.31 12.60 7.33
C THR A 78 3.78 11.58 6.28
N VAL A 79 3.66 10.29 6.61
CA VAL A 79 4.03 9.21 5.69
C VAL A 79 3.36 9.41 4.31
N PHE A 80 2.08 9.78 4.32
CA PHE A 80 1.33 9.87 3.08
C PHE A 80 1.27 11.26 2.46
N THR A 81 1.72 12.29 3.18
CA THR A 81 1.51 13.67 2.72
C THR A 81 2.79 14.46 2.46
N VAL A 82 3.94 13.92 2.86
CA VAL A 82 5.21 14.61 2.70
C VAL A 82 6.15 13.76 1.84
N LEU A 83 6.74 14.40 0.83
CA LEU A 83 7.66 13.73 -0.09
C LEU A 83 8.92 13.27 0.64
N HIS A 84 9.26 11.99 0.48
CA HIS A 84 10.39 11.38 1.17
C HIS A 84 11.32 10.73 0.20
N GLY A 102 11.03 2.06 0.16
CA GLY A 102 10.26 2.23 1.40
C GLY A 102 9.98 3.67 1.79
N VAL A 103 10.09 4.59 0.82
CA VAL A 103 9.79 6.02 1.05
C VAL A 103 8.78 6.58 0.02
N GLY A 104 8.07 5.70 -0.66
CA GLY A 104 7.21 6.11 -1.77
C GLY A 104 5.73 6.27 -1.48
N SER A 105 5.32 6.09 -0.23
CA SER A 105 3.88 6.12 0.10
C SER A 105 3.20 7.40 -0.36
N SER A 106 3.87 8.54 -0.17
CA SER A 106 3.27 9.84 -0.49
C SER A 106 3.14 10.04 -2.01
N VAL A 107 4.04 9.41 -2.77
CA VAL A 107 3.97 9.44 -4.23
C VAL A 107 2.74 8.66 -4.70
N VAL A 108 2.51 7.49 -4.11
CA VAL A 108 1.31 6.71 -4.44
C VAL A 108 0.06 7.54 -4.12
N ASN A 109 0.07 8.16 -2.95
CA ASN A 109 -1.03 9.02 -2.54
C ASN A 109 -1.30 10.13 -3.56
N ALA A 110 -0.26 10.86 -3.92
CA ALA A 110 -0.39 11.95 -4.89
C ALA A 110 -1.01 11.53 -6.23
N LEU A 111 -0.68 10.31 -6.67
CA LEU A 111 -1.09 9.83 -7.99
C LEU A 111 -2.36 8.98 -7.95
N SER A 112 -3.05 9.01 -6.82
CA SER A 112 -4.31 8.31 -6.64
C SER A 112 -5.48 9.30 -6.52
N THR A 113 -6.63 8.94 -7.09
CA THR A 113 -7.86 9.74 -6.85
C THR A 113 -8.17 9.75 -5.36
N SER A 114 -7.93 8.63 -4.71
CA SER A 114 -8.20 8.47 -3.30
C SER A 114 -7.28 7.41 -2.70
N LEU A 115 -6.87 7.63 -1.47
CA LEU A 115 -6.15 6.61 -0.72
C LEU A 115 -6.67 6.64 0.71
N ASP A 116 -6.88 5.46 1.29
CA ASP A 116 -7.31 5.38 2.68
C ASP A 116 -6.39 4.42 3.42
N VAL A 117 -6.03 4.82 4.63
CA VAL A 117 -5.18 4.01 5.50
C VAL A 117 -5.93 3.68 6.79
N ARG A 118 -5.81 2.43 7.21
CA ARG A 118 -6.30 2.02 8.51
C ARG A 118 -5.13 1.37 9.25
N VAL A 119 -4.85 1.89 10.45
CA VAL A 119 -3.80 1.36 11.31
C VAL A 119 -4.45 0.69 12.51
N TYR A 120 -4.14 -0.60 12.70
CA TYR A 120 -4.67 -1.42 13.79
C TYR A 120 -3.56 -1.52 14.85
N LYS A 121 -3.77 -0.88 15.99
CA LYS A 121 -2.71 -0.70 16.97
C LYS A 121 -3.32 -0.40 18.33
N ASP A 122 -2.82 -1.07 19.36
CA ASP A 122 -3.20 -0.80 20.76
C ASP A 122 -4.71 -0.83 20.99
N GLY A 123 -5.37 -1.77 20.33
CA GLY A 123 -6.80 -2.00 20.51
C GLY A 123 -7.69 -1.09 19.70
N LYS A 124 -7.10 -0.25 18.85
CA LYS A 124 -7.82 0.80 18.12
C LYS A 124 -7.54 0.75 16.61
N VAL A 125 -8.51 1.21 15.82
CA VAL A 125 -8.33 1.38 14.37
C VAL A 125 -8.32 2.87 14.06
N TYR A 126 -7.16 3.36 13.63
CA TYR A 126 -6.94 4.76 13.27
C TYR A 126 -7.11 4.89 11.76
N TYR A 127 -7.90 5.86 11.33
CA TYR A 127 -8.26 5.97 9.92
C TYR A 127 -8.00 7.37 9.39
N GLN A 128 -7.41 7.45 8.21
CA GLN A 128 -7.34 8.73 7.49
C GLN A 128 -7.48 8.46 6.00
N GLU A 129 -8.06 9.43 5.28
CA GLU A 129 -8.21 9.34 3.83
C GLU A 129 -7.72 10.62 3.17
N TYR A 130 -7.30 10.49 1.91
CA TYR A 130 -6.76 11.60 1.11
C TYR A 130 -7.41 11.55 -0.26
N ARG A 131 -7.53 12.72 -0.90
CA ARG A 131 -8.07 12.81 -2.25
C ARG A 131 -7.10 13.56 -3.13
N ARG A 132 -6.59 12.89 -4.16
CA ARG A 132 -5.51 13.43 -5.01
C ARG A 132 -4.39 14.05 -4.17
N GLY A 133 -4.03 13.34 -3.10
CA GLY A 133 -2.94 13.71 -2.20
C GLY A 133 -3.34 14.58 -1.02
N ALA A 134 -4.51 15.22 -1.09
CA ALA A 134 -4.94 16.15 -0.03
C ALA A 134 -5.71 15.46 1.10
N VAL A 135 -5.38 15.81 2.33
CA VAL A 135 -6.04 15.26 3.51
C VAL A 135 -7.55 15.58 3.55
N VAL A 136 -8.37 14.57 3.83
CA VAL A 136 -9.82 14.77 4.02
C VAL A 136 -10.11 15.24 5.46
N ASP A 137 -9.66 14.49 6.45
CA ASP A 137 -9.86 14.88 7.83
C ASP A 137 -8.71 14.40 8.68
N ASP A 138 -8.59 14.94 9.89
CA ASP A 138 -7.58 14.48 10.85
C ASP A 138 -7.75 13.00 11.12
N LEU A 139 -6.63 12.33 11.41
CA LEU A 139 -6.64 10.95 11.85
C LEU A 139 -7.67 10.74 12.95
N LYS A 140 -8.49 9.70 12.82
CA LYS A 140 -9.58 9.45 13.76
C LYS A 140 -9.63 7.97 14.14
N VAL A 141 -9.91 7.70 15.42
CA VAL A 141 -10.20 6.33 15.83
C VAL A 141 -11.64 6.02 15.43
N ILE A 142 -11.82 4.98 14.62
CA ILE A 142 -13.13 4.64 14.05
C ILE A 142 -13.76 3.35 14.57
N GLU A 143 -12.93 2.49 15.17
CA GLU A 143 -13.35 1.16 15.65
C GLU A 143 -12.40 0.69 16.73
N GLU A 144 -12.83 -0.32 17.47
CA GLU A 144 -11.90 -1.09 18.28
C GLU A 144 -11.49 -2.33 17.52
N THR A 145 -10.33 -2.88 17.87
CA THR A 145 -9.80 -4.06 17.21
C THR A 145 -8.95 -4.89 18.17
N ASP A 146 -8.79 -6.17 17.85
CA ASP A 146 -7.87 -7.06 18.54
C ASP A 146 -6.68 -7.43 17.65
N ARG A 147 -6.66 -6.93 16.42
CA ARG A 147 -5.51 -7.21 15.55
C ARG A 147 -4.54 -6.03 15.46
N HIS A 148 -3.43 -6.26 14.76
CA HIS A 148 -2.42 -5.23 14.54
C HIS A 148 -1.95 -5.31 13.12
N GLY A 149 -1.64 -4.14 12.55
CA GLY A 149 -1.12 -4.09 11.19
C GLY A 149 -1.56 -2.81 10.51
N THR A 150 -1.27 -2.76 9.22
CA THR A 150 -1.63 -1.61 8.38
C THR A 150 -2.34 -2.09 7.13
N THR A 151 -3.43 -1.40 6.78
CA THR A 151 -4.15 -1.63 5.52
C THR A 151 -4.21 -0.33 4.73
N VAL A 152 -3.68 -0.39 3.51
CA VAL A 152 -3.67 0.75 2.59
C VAL A 152 -4.49 0.39 1.36
N HIS A 153 -5.43 1.27 1.00
CA HIS A 153 -6.21 1.06 -0.22
C HIS A 153 -6.15 2.31 -1.06
N PHE A 154 -5.89 2.15 -2.35
CA PHE A 154 -5.78 3.28 -3.24
C PHE A 154 -6.41 3.05 -4.61
N ILE A 155 -6.89 4.15 -5.20
CA ILE A 155 -7.47 4.13 -6.53
C ILE A 155 -6.56 4.98 -7.43
N PRO A 156 -5.78 4.33 -8.33
CA PRO A 156 -4.90 5.11 -9.20
C PRO A 156 -5.68 6.14 -10.04
N ASP A 157 -5.08 7.31 -10.25
CA ASP A 157 -5.80 8.42 -10.89
C ASP A 157 -5.73 8.29 -12.40
N PRO A 158 -6.89 8.17 -13.09
CA PRO A 158 -6.88 8.12 -14.56
C PRO A 158 -6.44 9.43 -15.21
N GLU A 159 -6.45 10.54 -14.47
CA GLU A 159 -5.84 11.79 -14.95
C GLU A 159 -4.33 11.66 -15.11
N ILE A 160 -3.72 10.75 -14.35
CA ILE A 160 -2.29 10.48 -14.45
C ILE A 160 -2.06 9.29 -15.38
N PHE A 161 -2.79 8.20 -15.14
CA PHE A 161 -2.59 6.95 -15.88
C PHE A 161 -3.55 6.93 -17.06
N THR A 162 -3.22 7.73 -18.06
CA THR A 162 -4.12 8.02 -19.18
C THR A 162 -4.16 6.88 -20.22
N GLU A 163 -3.14 6.04 -20.25
CA GLU A 163 -3.09 4.89 -21.17
C GLU A 163 -3.96 3.75 -20.65
N THR A 164 -3.77 3.38 -19.39
CA THR A 164 -4.52 2.29 -18.78
C THR A 164 -4.54 2.39 -17.25
N THR A 165 -5.68 2.05 -16.66
CA THR A 165 -5.80 1.87 -15.22
C THR A 165 -6.13 0.41 -14.89
N VAL A 166 -5.94 -0.48 -15.86
CA VAL A 166 -6.30 -1.89 -15.67
C VAL A 166 -5.09 -2.73 -15.25
N TYR A 167 -5.21 -3.41 -14.12
CA TYR A 167 -4.11 -4.24 -13.56
C TYR A 167 -3.95 -5.59 -14.24
N ASP A 168 -2.72 -6.09 -14.22
CA ASP A 168 -2.35 -7.37 -14.82
C ASP A 168 -2.06 -8.33 -13.68
N PHE A 169 -2.98 -9.26 -13.46
CA PHE A 169 -2.88 -10.20 -12.34
C PHE A 169 -1.61 -11.07 -12.45
N ASP A 170 -1.33 -11.63 -13.62
CA ASP A 170 -0.13 -12.46 -13.79
C ASP A 170 1.15 -11.67 -13.51
N LYS A 171 1.19 -10.41 -13.97
CA LYS A 171 2.36 -9.53 -13.73
C LYS A 171 2.58 -9.32 -12.22
N LEU A 172 1.50 -9.03 -11.50
CA LEU A 172 1.55 -8.90 -10.05
C LEU A 172 1.94 -10.20 -9.35
N ALA A 173 1.32 -11.31 -9.77
CA ALA A 173 1.59 -12.63 -9.17
C ALA A 173 3.06 -13.03 -9.35
N THR A 174 3.61 -12.75 -10.52
CA THR A 174 4.99 -13.10 -10.81
C THR A 174 5.93 -12.43 -9.82
N ARG A 175 5.73 -11.12 -9.61
CA ARG A 175 6.57 -10.40 -8.67
C ARG A 175 6.30 -10.75 -7.20
N VAL A 176 5.04 -10.99 -6.86
CA VAL A 176 4.70 -11.45 -5.50
C VAL A 176 5.43 -12.76 -5.14
N ARG A 177 5.45 -13.70 -6.09
CA ARG A 177 6.19 -14.96 -5.91
C ARG A 177 7.69 -14.68 -5.70
N GLU A 178 8.26 -13.79 -6.52
CA GLU A 178 9.66 -13.39 -6.40
C GLU A 178 9.94 -12.78 -5.02
N LEU A 179 9.03 -11.92 -4.56
CA LEU A 179 9.14 -11.33 -3.23
C LEU A 179 9.08 -12.36 -2.11
N ALA A 180 8.21 -13.36 -2.25
CA ALA A 180 8.13 -14.44 -1.25
C ALA A 180 9.46 -15.18 -1.17
N PHE A 181 10.07 -15.41 -2.32
CA PHE A 181 11.34 -16.13 -2.39
C PHE A 181 12.46 -15.32 -1.74
N LEU A 182 12.56 -14.04 -2.10
CA LEU A 182 13.59 -13.14 -1.55
C LEU A 182 13.40 -12.89 -0.07
N ASN A 183 12.16 -13.02 0.39
CA ASN A 183 11.85 -12.83 1.80
C ASN A 183 11.39 -14.13 2.44
N ARG A 184 12.18 -15.19 2.21
CA ARG A 184 11.88 -16.55 2.69
C ARG A 184 11.32 -16.56 4.12
N GLY A 185 10.13 -17.13 4.27
CA GLY A 185 9.43 -17.20 5.56
C GLY A 185 8.15 -16.37 5.54
N LEU A 186 8.15 -15.30 4.75
CA LEU A 186 6.99 -14.45 4.56
C LEU A 186 5.85 -15.20 3.87
N HIS A 187 4.63 -15.01 4.37
CA HIS A 187 3.43 -15.36 3.60
C HIS A 187 2.99 -14.15 2.84
N ILE A 188 2.80 -14.30 1.53
CA ILE A 188 2.29 -13.21 0.70
C ILE A 188 1.35 -13.77 -0.36
N SER A 189 0.21 -13.11 -0.53
CA SER A 189 -0.78 -13.56 -1.49
C SER A 189 -1.16 -12.42 -2.45
N ILE A 190 -1.71 -12.82 -3.59
CA ILE A 190 -2.27 -11.91 -4.59
C ILE A 190 -3.65 -12.44 -4.96
N GLU A 191 -4.64 -11.54 -4.93
CA GLU A 191 -6.03 -11.91 -5.23
C GLU A 191 -6.62 -10.96 -6.25
N ASP A 192 -7.35 -11.53 -7.21
CA ASP A 192 -8.09 -10.75 -8.19
C ASP A 192 -9.57 -10.90 -7.85
N ARG A 193 -10.26 -9.78 -7.64
CA ARG A 193 -11.69 -9.79 -7.35
C ARG A 193 -12.53 -9.28 -8.54
N ARG A 194 -11.90 -9.12 -9.68
CA ARG A 194 -12.60 -8.56 -10.84
C ARG A 194 -13.54 -9.59 -11.49
N GLU A 195 -14.61 -9.07 -12.07
CA GLU A 195 -15.72 -9.86 -12.61
C GLU A 195 -15.24 -10.90 -13.62
N GLY A 196 -15.68 -12.14 -13.45
CA GLY A 196 -15.40 -13.20 -14.43
C GLY A 196 -13.98 -13.71 -14.46
N GLN A 197 -13.18 -13.35 -13.45
CA GLN A 197 -11.76 -13.75 -13.45
C GLN A 197 -11.18 -13.85 -12.05
N GLU A 198 -12.05 -14.01 -11.06
CA GLU A 198 -11.62 -14.13 -9.67
C GLU A 198 -10.58 -15.23 -9.52
N ASP A 199 -9.49 -14.93 -8.82
CA ASP A 199 -8.38 -15.87 -8.67
C ASP A 199 -7.59 -15.46 -7.43
N LYS A 200 -6.85 -16.40 -6.85
CA LYS A 200 -5.97 -16.09 -5.73
C LYS A 200 -4.80 -17.06 -5.73
N LYS A 201 -3.62 -16.52 -5.49
CA LYS A 201 -2.42 -17.36 -5.38
C LYS A 201 -1.71 -16.93 -4.10
N GLU A 202 -1.29 -17.93 -3.33
CA GLU A 202 -0.63 -17.72 -2.04
C GLU A 202 0.77 -18.30 -2.12
N TYR A 203 1.76 -17.56 -1.63
CA TYR A 203 3.15 -18.01 -1.70
C TYR A 203 3.78 -18.01 -0.32
N HIS A 204 4.62 -19.01 -0.07
CA HIS A 204 5.36 -19.11 1.17
C HIS A 204 6.48 -20.07 0.98
N TYR A 205 7.70 -19.56 1.13
CA TYR A 205 8.88 -20.41 1.15
C TYR A 205 9.29 -20.65 2.61
N GLU A 206 9.53 -21.91 2.95
CA GLU A 206 9.82 -22.28 4.33
C GLU A 206 11.23 -21.91 4.79
N GLY A 207 11.36 -21.56 6.07
CA GLY A 207 12.66 -21.35 6.72
C GLY A 207 13.25 -22.65 7.26
N LEU A 208 13.89 -22.57 8.42
CA LEU A 208 14.59 -23.73 9.00
C LEU A 208 13.66 -24.91 9.34
N GLU A 209 12.36 -24.63 9.52
CA GLU A 209 11.37 -25.67 9.82
C GLU A 209 11.18 -26.69 8.68
N HIS A 210 11.73 -26.39 7.51
CA HIS A 210 11.58 -27.21 6.31
C HIS A 210 12.22 -28.57 6.44
N19 MJU B . 8.56 4.63 8.47
C17 MJU B . 7.17 4.69 8.02
C16 MJU B . 7.07 4.30 6.54
C15 MJU B . 5.86 3.38 6.40
C18 MJU B . 6.30 3.73 8.82
N14 MJU B . 5.66 2.93 7.77
C10 MJU B . 5.00 1.72 8.08
C7 MJU B . 4.11 0.93 7.17
C3 MJU B . 3.55 1.09 5.81
C4 MJU B . 3.70 2.07 4.83
C5 MJU B . 3.02 1.90 3.61
C6 MJU B . 2.22 0.79 3.36
C1 MJU B . 2.06 -0.23 4.32
N11 MJU B . 5.25 1.16 9.30
C12 MJU B . 4.70 -0.02 9.71
N13 MJU B . 3.90 -0.76 8.91
C8 MJU B . 3.55 -0.34 7.66
N9 MJU B . 2.78 -0.89 6.67
C2 MJU B . 2.71 -0.11 5.55
S20 MJU B . 4.99 -0.63 11.25
C21 MJU B . 6.14 0.27 12.11
C26 MJU B . 7.29 0.72 11.47
N25 MJU B . 8.25 1.42 12.11
C24 MJU B . 8.11 1.70 13.44
N27 MJU B . 9.06 2.41 14.11
C28 MJU B . 8.89 2.67 15.41
C29 MJU B . 7.76 2.23 16.11
N30 MJU B . 6.80 1.53 15.48
C23 MJU B . 6.90 1.24 14.17
C22 MJU B . 5.94 0.52 13.48
#